data_6JVR
#
_entry.id   6JVR
#
_cell.length_a   59.248
_cell.length_b   68.212
_cell.length_c   78.837
_cell.angle_alpha   90.000
_cell.angle_beta   90.000
_cell.angle_gamma   90.000
#
_symmetry.space_group_name_H-M   'P 21 21 21'
#
loop_
_entity.id
_entity.type
_entity.pdbx_description
1 polymer '7,8-dihydro-8-oxoguanine triphosphatase'
2 non-polymer N4-methyl-6-piperidin-1-yl-pyrimidine-2,4-diamine
3 water water
#
_entity_poly.entity_id   1
_entity_poly.type   'polypeptide(L)'
_entity_poly.pdbx_seq_one_letter_code
;MGASRLYTLVLVLQPQRVLLGMKKRGFGAGRWNGFGGKVQEGETIEDGARRELQEESGLTVDALHKVGQIVFEFVGEPEL
MDVHVFCTDSIQGTPVESDEMRPCWFQLDQIPFKDMWPDDSYWFPLLLQKKKFHGYFKFQGQDTILDYTLREVDTV
;
_entity_poly.pdbx_strand_id   A,B
#
loop_
_chem_comp.id
_chem_comp.type
_chem_comp.name
_chem_comp.formula
CJU non-polymer N4-methyl-6-piperidin-1-yl-pyrimidine-2,4-diamine 'C10 H17 N5'
#
# COMPACT_ATOMS: atom_id res chain seq x y z
N ALA A 3 4.09 9.94 -17.96
CA ALA A 3 3.48 11.25 -17.84
C ALA A 3 2.21 11.18 -17.00
N SER A 4 2.11 12.11 -16.06
CA SER A 4 0.96 12.26 -15.19
C SER A 4 0.34 13.63 -15.43
N ARG A 5 -0.89 13.77 -14.99
CA ARG A 5 -1.57 15.06 -15.01
C ARG A 5 -1.93 15.44 -13.57
N LEU A 6 -1.77 16.70 -13.22
CA LEU A 6 -1.94 17.11 -11.84
C LEU A 6 -3.40 17.39 -11.51
N TYR A 7 -3.83 16.98 -10.32
CA TYR A 7 -5.16 17.23 -9.82
C TYR A 7 -5.05 17.62 -8.36
N THR A 8 -6.12 18.24 -7.85
CA THR A 8 -6.19 18.56 -6.43
C THR A 8 -7.43 17.93 -5.84
N LEU A 9 -7.37 17.78 -4.52
CA LEU A 9 -8.47 17.29 -3.71
C LEU A 9 -8.32 18.00 -2.38
N VAL A 10 -9.36 18.71 -1.97
CA VAL A 10 -9.38 19.46 -0.71
C VAL A 10 -10.44 18.87 0.21
N LEU A 11 -10.03 18.52 1.43
CA LEU A 11 -10.93 18.04 2.48
C LEU A 11 -10.96 19.03 3.63
N VAL A 12 -12.13 19.62 3.88
CA VAL A 12 -12.32 20.44 5.07
C VAL A 12 -12.73 19.49 6.19
N LEU A 13 -11.79 19.24 7.10
CA LEU A 13 -11.92 18.23 8.14
C LEU A 13 -11.85 18.95 9.48
N GLN A 14 -13.01 19.11 10.12
CA GLN A 14 -13.06 19.72 11.44
C GLN A 14 -13.07 18.63 12.49
N PRO A 15 -12.87 18.97 13.78
CA PRO A 15 -12.68 17.91 14.78
C PRO A 15 -13.83 16.89 14.87
N GLN A 16 -15.07 17.28 14.54
CA GLN A 16 -16.18 16.34 14.59
C GLN A 16 -16.81 16.06 13.23
N ARG A 17 -16.45 16.77 12.16
CA ARG A 17 -17.16 16.62 10.90
C ARG A 17 -16.25 16.92 9.72
N VAL A 18 -16.59 16.34 8.58
CA VAL A 18 -15.91 16.61 7.33
C VAL A 18 -16.93 17.09 6.29
N LEU A 19 -16.53 18.08 5.48
CA LEU A 19 -17.36 18.64 4.43
C LEU A 19 -17.18 17.84 3.15
N LEU A 20 -18.25 17.28 2.61
CA LEU A 20 -18.13 16.57 1.36
C LEU A 20 -19.09 17.23 0.38
N GLY A 21 -18.85 17.04 -0.90
CA GLY A 21 -19.73 17.59 -1.93
C GLY A 21 -20.22 16.47 -2.85
N MET A 22 -21.49 16.56 -3.23
CA MET A 22 -22.07 15.61 -4.16
C MET A 22 -21.86 16.16 -5.56
N LYS A 23 -21.12 15.40 -6.38
CA LYS A 23 -20.74 15.84 -7.72
C LYS A 23 -21.94 15.75 -8.64
N LYS A 24 -22.34 16.88 -9.20
CA LYS A 24 -23.58 16.96 -9.96
C LYS A 24 -23.38 16.70 -11.44
N ARG A 25 -22.17 16.83 -11.97
CA ARG A 25 -21.92 16.63 -13.39
C ARG A 25 -20.43 16.38 -13.59
N GLY A 26 -20.09 15.91 -14.79
CA GLY A 26 -18.68 15.75 -15.09
C GLY A 26 -18.12 14.45 -14.54
N PHE A 27 -16.79 14.44 -14.40
CA PHE A 27 -16.06 13.29 -13.91
C PHE A 27 -16.39 12.99 -12.44
N GLY A 28 -16.81 11.76 -12.16
CA GLY A 28 -17.23 11.37 -10.82
C GLY A 28 -18.61 11.84 -10.38
N ALA A 29 -19.52 12.10 -11.32
CA ALA A 29 -20.86 12.55 -10.95
C ALA A 29 -21.63 11.46 -10.23
N GLY A 30 -22.32 11.85 -9.16
CA GLY A 30 -23.13 10.93 -8.40
C GLY A 30 -22.42 10.38 -7.19
N ARG A 31 -21.21 10.85 -6.91
CA ARG A 31 -20.50 10.41 -5.72
C ARG A 31 -20.12 11.62 -4.88
N TRP A 32 -20.03 11.38 -3.57
CA TRP A 32 -19.52 12.37 -2.65
C TRP A 32 -18.00 12.38 -2.77
N ASN A 33 -17.43 13.57 -2.64
CA ASN A 33 -15.99 13.75 -2.73
C ASN A 33 -15.60 15.05 -2.07
N GLY A 34 -14.30 15.23 -1.91
CA GLY A 34 -13.78 16.54 -1.58
C GLY A 34 -13.88 17.44 -2.80
N PHE A 35 -13.37 18.65 -2.66
CA PHE A 35 -13.41 19.60 -3.76
C PHE A 35 -12.06 19.60 -4.47
N GLY A 36 -12.10 19.66 -5.79
CA GLY A 36 -10.88 19.79 -6.55
C GLY A 36 -11.11 19.56 -8.04
N GLY A 37 -10.02 19.41 -8.74
CA GLY A 37 -10.07 19.24 -10.19
C GLY A 37 -8.69 19.44 -10.76
N LYS A 38 -8.64 19.75 -12.06
CA LYS A 38 -7.37 19.88 -12.75
C LYS A 38 -6.62 21.13 -12.29
N VAL A 39 -5.32 20.98 -12.07
CA VAL A 39 -4.44 22.13 -11.94
C VAL A 39 -4.17 22.70 -13.34
N GLN A 40 -4.24 24.01 -13.47
CA GLN A 40 -4.05 24.66 -14.75
C GLN A 40 -2.61 25.14 -14.96
N GLU A 41 -2.30 25.42 -16.21
CA GLU A 41 -1.05 26.10 -16.52
C GLU A 41 -1.10 27.50 -15.94
N GLY A 42 -0.01 27.91 -15.33
CA GLY A 42 0.09 29.24 -14.77
C GLY A 42 -0.19 29.32 -13.29
N GLU A 43 -0.69 28.26 -12.67
CA GLU A 43 -0.98 28.29 -11.24
C GLU A 43 -0.23 27.18 -10.51
N THR A 44 0.11 27.41 -9.24
CA THR A 44 0.66 26.29 -8.50
C THR A 44 -0.43 25.30 -8.15
N ILE A 45 0.00 24.12 -7.74
CA ILE A 45 -0.93 23.09 -7.29
C ILE A 45 -1.83 23.63 -6.18
N GLU A 46 -1.24 24.33 -5.20
CA GLU A 46 -2.10 24.81 -4.13
C GLU A 46 -3.04 25.91 -4.62
N ASP A 47 -2.57 26.78 -5.53
CA ASP A 47 -3.47 27.75 -6.16
C ASP A 47 -4.62 27.04 -6.87
N GLY A 48 -4.32 25.93 -7.54
CA GLY A 48 -5.38 25.19 -8.20
C GLY A 48 -6.37 24.64 -7.21
N ALA A 49 -5.87 24.20 -6.05
CA ALA A 49 -6.76 23.70 -5.01
C ALA A 49 -7.64 24.82 -4.46
N ARG A 50 -7.07 26.01 -4.19
CA ARG A 50 -7.91 27.09 -3.67
C ARG A 50 -8.93 27.51 -4.69
N ARG A 51 -8.53 27.60 -5.96
CA ARG A 51 -9.48 27.95 -7.02
C ARG A 51 -10.62 26.94 -7.08
N GLU A 52 -10.32 25.63 -7.13
CA GLU A 52 -11.40 24.66 -7.27
C GLU A 52 -12.30 24.64 -6.03
N LEU A 53 -11.73 24.92 -4.86
CA LEU A 53 -12.57 25.01 -3.67
C LEU A 53 -13.53 26.21 -3.76
N GLN A 54 -13.00 27.38 -4.11
CA GLN A 54 -13.83 28.57 -4.19
C GLN A 54 -14.91 28.41 -5.26
N GLU A 55 -14.60 27.74 -6.37
CA GLU A 55 -15.54 27.64 -7.48
C GLU A 55 -16.59 26.55 -7.24
N GLU A 56 -16.27 25.53 -6.43
CA GLU A 56 -17.21 24.45 -6.21
C GLU A 56 -18.00 24.58 -4.92
N SER A 57 -17.53 25.40 -3.97
CA SER A 57 -18.18 25.54 -2.67
C SER A 57 -18.37 26.97 -2.21
N GLY A 58 -17.81 27.96 -2.89
CA GLY A 58 -17.89 29.33 -2.43
C GLY A 58 -16.88 29.69 -1.36
N LEU A 59 -16.14 28.71 -0.81
CA LEU A 59 -15.30 28.92 0.35
C LEU A 59 -13.87 29.31 -0.01
N THR A 60 -13.26 30.11 0.87
CA THR A 60 -11.84 30.39 0.83
C THR A 60 -11.21 29.91 2.13
N VAL A 61 -9.89 29.80 2.13
CA VAL A 61 -9.18 29.13 3.20
C VAL A 61 -7.93 29.95 3.52
N ASP A 62 -7.54 29.92 4.80
CA ASP A 62 -6.35 30.65 5.23
C ASP A 62 -5.08 29.82 5.06
N ALA A 63 -5.13 28.53 5.39
CA ALA A 63 -3.98 27.67 5.21
C ALA A 63 -4.42 26.31 4.68
N LEU A 64 -3.74 25.83 3.64
CA LEU A 64 -3.90 24.49 3.11
C LEU A 64 -2.67 23.64 3.47
N HIS A 65 -2.92 22.44 4.01
CA HIS A 65 -1.85 21.53 4.38
C HIS A 65 -1.84 20.30 3.49
N LYS A 66 -0.65 19.92 3.01
CA LYS A 66 -0.47 18.69 2.26
C LYS A 66 -0.62 17.49 3.19
N VAL A 67 -1.52 16.57 2.85
CA VAL A 67 -1.68 15.37 3.67
C VAL A 67 -1.56 14.10 2.85
N GLY A 68 -1.58 14.21 1.52
CA GLY A 68 -1.51 12.97 0.76
C GLY A 68 -1.25 13.19 -0.73
N GLN A 69 -0.85 12.09 -1.36
CA GLN A 69 -0.77 12.07 -2.82
C GLN A 69 -1.23 10.69 -3.26
N ILE A 70 -2.12 10.65 -4.24
CA ILE A 70 -2.56 9.38 -4.79
C ILE A 70 -2.43 9.44 -6.29
N VAL A 71 -1.84 8.40 -6.85
CA VAL A 71 -1.70 8.22 -8.29
C VAL A 71 -2.74 7.21 -8.73
N PHE A 72 -3.48 7.55 -9.78
CA PHE A 72 -4.48 6.66 -10.34
C PHE A 72 -4.10 6.31 -11.76
N GLU A 73 -4.21 5.02 -12.07
CA GLU A 73 -4.13 4.51 -13.42
C GLU A 73 -5.50 3.98 -13.78
N PHE A 74 -5.98 4.36 -14.95
CA PHE A 74 -7.16 3.77 -15.55
C PHE A 74 -6.69 2.93 -16.73
N VAL A 75 -7.14 1.67 -16.79
CA VAL A 75 -6.71 0.78 -17.86
C VAL A 75 -7.09 1.40 -19.19
N GLY A 76 -6.14 1.41 -20.14
CA GLY A 76 -6.37 2.02 -21.44
C GLY A 76 -6.19 3.52 -21.51
N GLU A 77 -6.04 4.23 -20.38
CA GLU A 77 -5.81 5.66 -20.43
C GLU A 77 -4.34 5.97 -20.29
N PRO A 78 -3.75 6.80 -21.16
CA PRO A 78 -2.28 6.97 -21.16
C PRO A 78 -1.71 7.77 -20.00
N GLU A 79 -2.40 8.83 -19.59
CA GLU A 79 -1.96 9.70 -18.50
C GLU A 79 -2.42 9.16 -17.16
N LEU A 80 -1.49 9.05 -16.22
CA LEU A 80 -1.90 8.78 -14.85
C LEU A 80 -2.41 10.07 -14.22
N MET A 81 -3.33 9.93 -13.26
CA MET A 81 -3.81 11.09 -12.51
C MET A 81 -3.01 11.19 -11.22
N ASP A 82 -2.34 12.32 -11.04
CA ASP A 82 -1.52 12.57 -9.87
C ASP A 82 -2.28 13.55 -8.99
N VAL A 83 -3.00 13.03 -8.00
CA VAL A 83 -3.86 13.83 -7.14
C VAL A 83 -3.10 14.24 -5.89
N HIS A 84 -2.95 15.55 -5.69
CA HIS A 84 -2.39 16.11 -4.46
C HIS A 84 -3.53 16.45 -3.50
N VAL A 85 -3.51 15.83 -2.32
CA VAL A 85 -4.59 15.90 -1.35
C VAL A 85 -4.19 16.82 -0.22
N PHE A 86 -5.07 17.80 0.05
CA PHE A 86 -4.89 18.81 1.08
C PHE A 86 -6.08 18.79 2.03
N CYS A 87 -5.81 19.11 3.28
CA CYS A 87 -6.84 19.26 4.28
C CYS A 87 -6.68 20.62 4.93
N THR A 88 -7.74 21.08 5.56
CA THR A 88 -7.71 22.32 6.33
C THR A 88 -8.79 22.21 7.40
N ASP A 89 -8.60 22.98 8.45
CA ASP A 89 -9.54 23.02 9.57
C ASP A 89 -10.40 24.28 9.51
N SER A 90 -9.77 25.42 9.35
CA SER A 90 -10.47 26.70 9.28
C SER A 90 -10.86 27.00 7.85
N ILE A 91 -12.11 27.39 7.64
CA ILE A 91 -12.57 27.90 6.36
C ILE A 91 -13.16 29.29 6.56
N GLN A 92 -13.28 30.02 5.46
CA GLN A 92 -13.86 31.35 5.43
C GLN A 92 -15.16 31.31 4.64
N GLY A 93 -16.28 31.44 5.33
CA GLY A 93 -17.60 31.46 4.73
C GLY A 93 -18.38 30.21 5.08
N THR A 94 -19.62 30.16 4.57
CA THR A 94 -20.35 28.92 4.70
C THR A 94 -20.50 28.32 3.31
N PRO A 95 -20.42 27.01 3.19
CA PRO A 95 -20.42 26.43 1.84
C PRO A 95 -21.79 26.57 1.20
N VAL A 96 -21.79 26.82 -0.12
CA VAL A 96 -23.01 26.91 -0.90
C VAL A 96 -22.86 26.08 -2.17
N GLU A 97 -24.00 25.60 -2.65
CA GLU A 97 -24.06 24.81 -3.87
C GLU A 97 -23.52 25.60 -5.07
N SER A 98 -22.95 24.86 -6.02
CA SER A 98 -22.59 25.37 -7.34
C SER A 98 -23.23 24.45 -8.36
N ASP A 99 -22.98 24.71 -9.65
CA ASP A 99 -23.46 23.80 -10.67
C ASP A 99 -22.72 22.46 -10.65
N GLU A 100 -21.57 22.40 -9.96
CA GLU A 100 -20.72 21.23 -9.91
C GLU A 100 -20.91 20.42 -8.62
N MET A 101 -21.05 21.06 -7.46
CA MET A 101 -21.01 20.41 -6.15
C MET A 101 -22.17 20.86 -5.27
N ARG A 102 -22.78 19.89 -4.59
CA ARG A 102 -23.74 20.14 -3.51
C ARG A 102 -23.12 19.81 -2.16
N PRO A 103 -22.67 20.78 -1.37
CA PRO A 103 -21.92 20.47 -0.15
C PRO A 103 -22.80 20.13 1.03
N CYS A 104 -22.24 19.34 1.92
CA CYS A 104 -22.96 18.89 3.10
C CYS A 104 -21.96 18.39 4.15
N TRP A 105 -22.21 18.70 5.41
CA TRP A 105 -21.35 18.22 6.49
C TRP A 105 -21.72 16.78 6.89
N PHE A 106 -20.70 16.04 7.33
CA PHE A 106 -20.88 14.64 7.72
C PHE A 106 -20.13 14.40 9.03
N GLN A 107 -20.81 13.79 10.00
CA GLN A 107 -20.12 13.30 11.19
C GLN A 107 -19.10 12.24 10.77
N LEU A 108 -17.95 12.23 11.46
CA LEU A 108 -16.88 11.30 11.14
C LEU A 108 -17.32 9.85 11.27
N ASP A 109 -18.37 9.59 12.03
CA ASP A 109 -18.94 8.27 12.19
C ASP A 109 -19.80 7.85 11.01
N GLN A 110 -20.14 8.77 10.10
CA GLN A 110 -21.20 8.53 9.14
C GLN A 110 -20.79 8.91 7.73
N ILE A 111 -19.54 8.65 7.38
CA ILE A 111 -19.03 9.02 6.04
C ILE A 111 -19.60 8.07 4.99
N PRO A 112 -20.14 8.57 3.86
CA PRO A 112 -20.88 7.69 2.91
C PRO A 112 -19.96 6.97 1.93
N PHE A 113 -19.15 6.05 2.46
CA PHE A 113 -18.17 5.34 1.63
C PHE A 113 -18.82 4.65 0.45
N LYS A 114 -20.02 4.09 0.66
CA LYS A 114 -20.72 3.39 -0.41
C LYS A 114 -20.97 4.30 -1.60
N ASP A 115 -21.10 5.60 -1.36
CA ASP A 115 -21.41 6.57 -2.40
C ASP A 115 -20.23 7.50 -2.69
N MET A 116 -19.02 7.08 -2.33
CA MET A 116 -17.78 7.75 -2.67
C MET A 116 -16.96 6.93 -3.64
N TRP A 117 -15.85 7.50 -4.09
CA TRP A 117 -14.91 6.72 -4.87
C TRP A 117 -14.44 5.53 -4.06
N PRO A 118 -14.29 4.34 -4.68
CA PRO A 118 -13.90 3.14 -3.92
C PRO A 118 -12.56 3.28 -3.20
N ASP A 119 -11.58 3.90 -3.85
CA ASP A 119 -10.28 4.08 -3.21
C ASP A 119 -10.40 4.82 -1.88
N ASP A 120 -11.46 5.64 -1.72
CA ASP A 120 -11.58 6.44 -0.50
C ASP A 120 -11.66 5.53 0.73
N SER A 121 -12.37 4.39 0.60
CA SER A 121 -12.50 3.45 1.71
C SER A 121 -11.15 3.02 2.27
N TYR A 122 -10.11 3.04 1.41
CA TYR A 122 -8.76 2.65 1.82
C TYR A 122 -7.97 3.83 2.37
N TRP A 123 -8.04 5.03 1.77
CA TRP A 123 -7.08 6.01 2.25
C TRP A 123 -7.69 7.05 3.18
N PHE A 124 -9.00 7.30 3.06
CA PHE A 124 -9.68 8.22 3.99
C PHE A 124 -9.37 7.93 5.46
N PRO A 125 -9.34 6.67 5.95
CA PRO A 125 -8.98 6.45 7.36
C PRO A 125 -7.65 7.08 7.74
N LEU A 126 -6.63 6.96 6.88
CA LEU A 126 -5.35 7.57 7.21
C LEU A 126 -5.46 9.09 7.24
N LEU A 127 -6.36 9.66 6.45
CA LEU A 127 -6.63 11.08 6.55
C LEU A 127 -7.26 11.42 7.90
N LEU A 128 -8.25 10.63 8.34
CA LEU A 128 -8.95 10.97 9.58
C LEU A 128 -8.06 10.79 10.78
N GLN A 129 -6.94 10.09 10.60
CA GLN A 129 -5.92 9.82 11.61
C GLN A 129 -4.80 10.86 11.56
N LYS A 130 -4.96 11.89 10.73
CA LYS A 130 -3.99 12.98 10.59
C LYS A 130 -2.60 12.42 10.27
N LYS A 131 -2.58 11.46 9.37
CA LYS A 131 -1.34 10.79 8.97
C LYS A 131 -1.11 10.94 7.48
N LYS A 132 0.14 11.22 7.09
CA LYS A 132 0.47 11.49 5.71
C LYS A 132 0.72 10.19 4.94
N PHE A 133 0.23 10.15 3.69
CA PHE A 133 0.18 8.90 2.94
C PHE A 133 0.47 9.14 1.47
N HIS A 134 1.03 8.12 0.84
CA HIS A 134 1.14 7.98 -0.61
C HIS A 134 0.35 6.75 -1.02
N GLY A 135 -0.44 6.88 -2.09
CA GLY A 135 -1.23 5.78 -2.57
C GLY A 135 -1.16 5.65 -4.08
N TYR A 136 -1.45 4.43 -4.55
CA TYR A 136 -1.58 4.13 -5.97
C TYR A 136 -2.75 3.18 -6.16
N PHE A 137 -3.63 3.49 -7.11
CA PHE A 137 -4.77 2.62 -7.38
C PHE A 137 -4.89 2.48 -8.88
N LYS A 138 -5.07 1.24 -9.31
CA LYS A 138 -5.29 0.91 -10.71
C LYS A 138 -6.76 0.58 -10.90
N PHE A 139 -7.45 1.35 -11.72
CA PHE A 139 -8.88 1.17 -11.98
C PHE A 139 -9.13 0.57 -13.35
N GLN A 140 -10.11 -0.33 -13.43
CA GLN A 140 -10.69 -0.77 -14.68
C GLN A 140 -12.09 -0.19 -14.71
N GLY A 141 -12.28 0.85 -15.53
CA GLY A 141 -13.53 1.56 -15.42
C GLY A 141 -13.53 2.41 -14.15
N GLN A 142 -14.74 2.75 -13.70
CA GLN A 142 -14.92 3.66 -12.57
C GLN A 142 -15.21 2.96 -11.24
N ASP A 143 -15.39 1.64 -11.23
CA ASP A 143 -15.82 0.98 -10.00
C ASP A 143 -14.91 -0.12 -9.50
N THR A 144 -13.96 -0.59 -10.28
CA THR A 144 -13.20 -1.80 -9.99
C THR A 144 -11.74 -1.45 -9.77
N ILE A 145 -11.26 -1.64 -8.56
CA ILE A 145 -9.84 -1.48 -8.27
C ILE A 145 -9.14 -2.82 -8.49
N LEU A 146 -8.19 -2.84 -9.43
CA LEU A 146 -7.41 -4.03 -9.76
C LEU A 146 -6.20 -4.20 -8.86
N ASP A 147 -5.42 -3.13 -8.64
CA ASP A 147 -4.25 -3.14 -7.78
C ASP A 147 -4.20 -1.86 -6.97
N TYR A 148 -3.51 -1.91 -5.84
CA TYR A 148 -3.26 -0.67 -5.11
C TYR A 148 -2.07 -0.88 -4.18
N THR A 149 -1.40 0.24 -3.88
CA THR A 149 -0.42 0.30 -2.82
C THR A 149 -0.74 1.52 -1.97
N LEU A 150 -0.41 1.44 -0.68
CA LEU A 150 -0.76 2.54 0.23
C LEU A 150 0.17 2.51 1.43
N ARG A 151 0.95 3.56 1.61
CA ARG A 151 1.88 3.64 2.73
C ARG A 151 1.81 5.03 3.35
N GLU A 152 2.29 5.13 4.58
CA GLU A 152 2.51 6.39 5.25
C GLU A 152 3.90 6.94 4.96
N VAL A 153 4.01 8.26 4.87
CA VAL A 153 5.26 8.94 4.55
C VAL A 153 5.45 10.04 5.57
N ASP A 154 6.65 10.61 5.60
CA ASP A 154 6.95 11.77 6.43
C ASP A 154 6.89 13.07 5.65
N THR A 155 7.24 13.03 4.38
CA THR A 155 7.08 14.14 3.44
C THR A 155 6.06 13.70 2.42
N VAL A 156 4.97 14.47 2.28
CA VAL A 156 4.02 14.14 1.22
C VAL A 156 4.53 14.67 -0.10
N GLY B 2 -10.58 -18.13 1.08
CA GLY B 2 -10.28 -19.44 0.54
C GLY B 2 -9.41 -20.28 1.46
N ALA B 3 -9.23 -21.56 1.15
CA ALA B 3 -8.39 -22.41 1.99
C ALA B 3 -6.93 -22.05 1.75
N SER B 4 -6.23 -21.67 2.82
CA SER B 4 -4.83 -21.29 2.75
C SER B 4 -3.98 -22.17 3.67
N ARG B 5 -2.69 -22.23 3.34
CA ARG B 5 -1.68 -22.93 4.12
C ARG B 5 -0.61 -21.95 4.59
N LEU B 6 -0.13 -22.17 5.82
CA LEU B 6 0.80 -21.26 6.47
C LEU B 6 2.23 -21.55 6.05
N TYR B 7 2.98 -20.47 5.81
CA TYR B 7 4.41 -20.56 5.50
C TYR B 7 5.15 -19.49 6.29
N THR B 8 6.45 -19.68 6.43
CA THR B 8 7.28 -18.66 7.04
C THR B 8 8.35 -18.17 6.07
N LEU B 9 8.86 -16.97 6.37
CA LEU B 9 9.92 -16.35 5.59
C LEU B 9 10.71 -15.48 6.54
N VAL B 10 12.00 -15.74 6.67
CA VAL B 10 12.87 -15.02 7.58
C VAL B 10 13.90 -14.27 6.76
N LEU B 11 14.00 -12.96 7.00
CA LEU B 11 15.03 -12.12 6.43
C LEU B 11 15.87 -11.62 7.60
N VAL B 12 17.14 -11.99 7.64
CA VAL B 12 18.09 -11.38 8.56
C VAL B 12 18.76 -10.23 7.81
N LEU B 13 18.51 -9.01 8.29
CA LEU B 13 18.86 -7.80 7.59
C LEU B 13 19.96 -6.98 8.29
N VAL B 18 22.09 -7.81 3.70
CA VAL B 18 21.02 -8.77 3.97
C VAL B 18 21.43 -10.18 3.58
N LEU B 19 21.07 -11.17 4.40
CA LEU B 19 21.40 -12.58 4.14
C LEU B 19 20.31 -13.25 3.33
N LEU B 20 20.68 -13.83 2.20
CA LEU B 20 19.71 -14.55 1.37
C LEU B 20 20.22 -15.97 1.17
N GLY B 21 19.34 -16.85 0.73
CA GLY B 21 19.72 -18.21 0.43
C GLY B 21 19.33 -18.61 -0.98
N MET B 22 20.20 -19.38 -1.63
CA MET B 22 19.91 -19.91 -2.94
C MET B 22 19.22 -21.27 -2.79
N LYS B 23 17.99 -21.35 -3.30
CA LYS B 23 17.19 -22.57 -3.19
C LYS B 23 17.72 -23.62 -4.15
N LYS B 24 18.16 -24.76 -3.61
CA LYS B 24 18.79 -25.78 -4.42
C LYS B 24 17.79 -26.81 -4.95
N ARG B 25 16.62 -26.93 -4.33
CA ARG B 25 15.60 -27.85 -4.79
C ARG B 25 14.29 -27.42 -4.16
N GLY B 26 13.19 -27.96 -4.69
CA GLY B 26 11.86 -27.71 -4.23
C GLY B 26 11.21 -26.51 -4.92
N PHE B 27 10.18 -25.99 -4.27
CA PHE B 27 9.45 -24.86 -4.81
C PHE B 27 10.37 -23.65 -4.87
N GLY B 28 10.43 -23.00 -6.03
CA GLY B 28 11.31 -21.85 -6.15
C GLY B 28 12.77 -22.22 -6.23
N ALA B 29 13.09 -23.42 -6.71
CA ALA B 29 14.49 -23.79 -6.88
C ALA B 29 15.09 -22.90 -7.94
N GLY B 30 16.28 -22.39 -7.67
CA GLY B 30 16.92 -21.50 -8.63
C GLY B 30 16.75 -20.03 -8.37
N ARG B 31 16.15 -19.63 -7.24
CA ARG B 31 16.04 -18.22 -6.87
C ARG B 31 16.58 -17.98 -5.48
N TRP B 32 17.01 -16.73 -5.28
CA TRP B 32 17.39 -16.24 -3.96
C TRP B 32 16.15 -15.90 -3.15
N ASN B 33 16.19 -16.17 -1.85
CA ASN B 33 15.06 -15.86 -0.99
C ASN B 33 15.54 -15.84 0.46
N GLY B 34 14.65 -15.43 1.35
CA GLY B 34 14.84 -15.65 2.77
C GLY B 34 14.61 -17.11 3.10
N PHE B 35 14.73 -17.41 4.38
CA PHE B 35 14.60 -18.78 4.86
C PHE B 35 13.21 -19.04 5.42
N GLY B 36 12.66 -20.21 5.10
CA GLY B 36 11.38 -20.60 5.64
C GLY B 36 10.83 -21.83 4.97
N GLY B 37 9.54 -22.06 5.21
CA GLY B 37 8.86 -23.22 4.67
C GLY B 37 7.54 -23.42 5.38
N LYS B 38 7.04 -24.65 5.30
CA LYS B 38 5.75 -24.97 5.87
C LYS B 38 5.80 -24.89 7.40
N VAL B 39 4.77 -24.27 7.99
CA VAL B 39 4.53 -24.40 9.42
C VAL B 39 3.94 -25.77 9.68
N GLN B 40 4.40 -26.42 10.74
CA GLN B 40 3.94 -27.76 11.13
C GLN B 40 2.83 -27.68 12.17
N GLU B 41 2.11 -28.80 12.31
CA GLU B 41 1.15 -28.94 13.39
C GLU B 41 1.88 -29.07 14.73
N GLY B 42 1.44 -28.32 15.73
CA GLY B 42 2.06 -28.39 17.04
C GLY B 42 3.07 -27.32 17.34
N GLU B 43 3.46 -26.52 16.36
CA GLU B 43 4.43 -25.45 16.57
C GLU B 43 3.76 -24.12 16.28
N THR B 44 4.23 -23.06 16.94
CA THR B 44 3.73 -21.74 16.57
C THR B 44 4.35 -21.31 15.25
N ILE B 45 3.75 -20.29 14.64
CA ILE B 45 4.29 -19.74 13.40
C ILE B 45 5.74 -19.32 13.59
N GLU B 46 6.04 -18.63 14.70
CA GLU B 46 7.41 -18.18 14.90
C GLU B 46 8.35 -19.35 15.17
N ASP B 47 7.91 -20.37 15.94
CA ASP B 47 8.76 -21.54 16.14
C ASP B 47 9.11 -22.19 14.81
N GLY B 48 8.13 -22.28 13.92
CA GLY B 48 8.42 -22.83 12.61
C GLY B 48 9.41 -21.97 11.85
N ALA B 49 9.32 -20.66 12.00
CA ALA B 49 10.28 -19.78 11.33
C ALA B 49 11.70 -20.00 11.85
N ARG B 50 11.85 -20.13 13.17
CA ARG B 50 13.16 -20.42 13.75
C ARG B 50 13.70 -21.78 13.33
N ARG B 51 12.84 -22.79 13.37
CA ARG B 51 13.25 -24.11 12.91
C ARG B 51 13.73 -24.05 11.48
N GLU B 52 12.99 -23.39 10.60
CA GLU B 52 13.42 -23.36 9.21
C GLU B 52 14.71 -22.57 9.05
N LEU B 53 14.92 -21.55 9.89
CA LEU B 53 16.15 -20.77 9.82
C LEU B 53 17.36 -21.59 10.26
N GLN B 54 17.29 -22.21 11.43
CA GLN B 54 18.39 -23.04 11.90
C GLN B 54 18.62 -24.18 10.95
N GLU B 55 17.55 -24.68 10.37
CA GLU B 55 17.69 -25.95 9.70
C GLU B 55 18.04 -25.78 8.21
N GLU B 56 17.89 -24.56 7.66
CA GLU B 56 18.35 -24.22 6.30
C GLU B 56 19.64 -23.41 6.26
N SER B 57 20.01 -22.73 7.35
CA SER B 57 21.22 -21.90 7.38
C SER B 57 22.12 -22.18 8.58
N GLY B 58 21.71 -23.03 9.51
CA GLY B 58 22.46 -23.31 10.71
C GLY B 58 22.32 -22.28 11.81
N LEU B 59 21.72 -21.12 11.53
CA LEU B 59 21.75 -20.00 12.46
C LEU B 59 20.60 -20.04 13.45
N THR B 60 20.89 -19.53 14.64
CA THR B 60 19.90 -19.33 15.67
C THR B 60 19.84 -17.84 15.99
N VAL B 61 18.72 -17.42 16.59
CA VAL B 61 18.38 -16.02 16.76
C VAL B 61 17.76 -15.86 18.14
N ASP B 62 17.95 -14.67 18.73
CA ASP B 62 17.34 -14.41 20.02
C ASP B 62 15.94 -13.82 19.89
N ALA B 63 15.72 -12.91 18.94
CA ALA B 63 14.40 -12.32 18.74
C ALA B 63 14.05 -12.22 17.27
N LEU B 64 12.87 -12.70 16.90
CA LEU B 64 12.29 -12.46 15.58
C LEU B 64 11.09 -11.53 15.74
N HIS B 65 11.02 -10.49 14.92
CA HIS B 65 9.93 -9.54 14.93
C HIS B 65 9.04 -9.82 13.73
N LYS B 66 7.72 -9.86 13.94
CA LYS B 66 6.80 -9.96 12.81
C LYS B 66 6.88 -8.67 12.01
N VAL B 67 7.14 -8.78 10.71
CA VAL B 67 7.21 -7.60 9.87
C VAL B 67 6.25 -7.66 8.69
N GLY B 68 5.66 -8.80 8.40
CA GLY B 68 4.75 -8.79 7.28
C GLY B 68 3.94 -10.07 7.18
N GLN B 69 2.87 -9.99 6.39
CA GLN B 69 2.13 -11.15 5.94
C GLN B 69 1.77 -10.93 4.48
N ILE B 70 2.05 -11.92 3.64
CA ILE B 70 1.73 -11.86 2.22
C ILE B 70 0.97 -13.11 1.87
N VAL B 71 -0.12 -12.95 1.12
CA VAL B 71 -0.88 -14.07 0.58
C VAL B 71 -0.59 -14.17 -0.91
N PHE B 72 -0.28 -15.38 -1.36
CA PHE B 72 -0.02 -15.65 -2.77
C PHE B 72 -1.10 -16.58 -3.30
N GLU B 73 -1.63 -16.26 -4.48
CA GLU B 73 -2.53 -17.16 -5.20
C GLU B 73 -1.92 -17.45 -6.57
N PHE B 74 -1.85 -18.73 -6.93
CA PHE B 74 -1.45 -19.14 -8.28
C PHE B 74 -2.67 -19.69 -9.01
N VAL B 75 -2.87 -19.28 -10.27
CA VAL B 75 -4.00 -19.83 -10.99
C VAL B 75 -3.81 -21.33 -11.12
N GLY B 76 -4.90 -22.08 -10.97
CA GLY B 76 -4.86 -23.52 -11.03
C GLY B 76 -4.54 -24.23 -9.74
N GLU B 77 -3.79 -23.61 -8.83
CA GLU B 77 -3.80 -24.29 -7.55
C GLU B 77 -5.08 -23.95 -6.79
N PRO B 78 -5.56 -24.86 -5.99
CA PRO B 78 -6.67 -24.51 -5.08
C PRO B 78 -6.21 -23.77 -3.82
N GLU B 79 -5.01 -24.06 -3.33
CA GLU B 79 -4.59 -23.60 -2.00
C GLU B 79 -3.81 -22.28 -2.07
N LEU B 80 -4.26 -21.29 -1.31
CA LEU B 80 -3.51 -20.05 -1.15
C LEU B 80 -2.32 -20.24 -0.21
N MET B 81 -1.24 -19.53 -0.49
CA MET B 81 -0.07 -19.56 0.38
C MET B 81 -0.13 -18.36 1.32
N ASP B 82 -0.15 -18.63 2.63
CA ASP B 82 -0.22 -17.59 3.67
C ASP B 82 1.16 -17.49 4.32
N VAL B 83 1.97 -16.56 3.82
CA VAL B 83 3.35 -16.38 4.23
C VAL B 83 3.42 -15.33 5.32
N HIS B 84 3.91 -15.72 6.49
CA HIS B 84 4.23 -14.81 7.57
C HIS B 84 5.72 -14.49 7.48
N VAL B 85 6.03 -13.21 7.40
CA VAL B 85 7.37 -12.70 7.14
C VAL B 85 7.94 -12.16 8.44
N PHE B 86 9.17 -12.59 8.76
CA PHE B 86 9.86 -12.22 9.98
C PHE B 86 11.21 -11.59 9.66
N CYS B 87 11.67 -10.72 10.55
CA CYS B 87 12.94 -10.04 10.37
C CYS B 87 13.84 -10.19 11.61
N THR B 88 15.15 -10.07 11.39
CA THR B 88 16.11 -10.02 12.49
C THR B 88 17.44 -9.40 12.05
N ASP B 89 18.10 -8.73 13.00
CA ASP B 89 19.42 -8.15 12.82
C ASP B 89 20.49 -8.90 13.59
N SER B 90 20.24 -9.19 14.87
CA SER B 90 21.19 -9.88 15.72
C SER B 90 20.98 -11.39 15.56
N ILE B 91 22.06 -12.11 15.25
CA ILE B 91 22.02 -13.56 15.11
C ILE B 91 23.06 -14.20 16.02
N GLN B 92 22.92 -15.51 16.19
CA GLN B 92 23.86 -16.35 16.92
C GLN B 92 24.48 -17.33 15.92
N GLY B 93 25.75 -17.14 15.59
CA GLY B 93 26.47 -18.05 14.72
C GLY B 93 26.85 -17.44 13.39
N THR B 94 27.48 -18.26 12.55
CA THR B 94 27.82 -17.93 11.17
C THR B 94 27.13 -18.87 10.19
N PRO B 95 26.70 -18.37 9.03
CA PRO B 95 25.91 -19.21 8.11
C PRO B 95 26.78 -20.25 7.43
N VAL B 96 26.19 -21.42 7.21
CA VAL B 96 26.83 -22.47 6.44
C VAL B 96 25.80 -23.08 5.50
N GLU B 97 26.27 -23.64 4.40
CA GLU B 97 25.39 -24.32 3.47
C GLU B 97 24.60 -25.39 4.21
N SER B 98 23.41 -25.65 3.70
CA SER B 98 22.64 -26.81 4.14
C SER B 98 22.24 -27.60 2.92
N ASP B 99 21.38 -28.60 3.11
CA ASP B 99 20.84 -29.32 1.97
C ASP B 99 19.98 -28.40 1.10
N GLU B 100 19.17 -27.56 1.75
CA GLU B 100 18.14 -26.75 1.10
C GLU B 100 18.69 -25.43 0.56
N MET B 101 19.55 -24.77 1.32
CA MET B 101 19.89 -23.39 1.05
C MET B 101 21.39 -23.24 0.91
N ARG B 102 21.81 -22.50 -0.13
CA ARG B 102 23.21 -22.09 -0.25
C ARG B 102 23.25 -20.60 0.09
N PRO B 103 23.60 -20.24 1.33
CA PRO B 103 23.45 -18.86 1.78
C PRO B 103 24.57 -17.96 1.28
N CYS B 104 24.26 -16.66 1.21
CA CYS B 104 25.20 -15.65 0.72
C CYS B 104 24.75 -14.29 1.22
N TRP B 105 25.72 -13.48 1.64
CA TRP B 105 25.43 -12.11 2.03
C TRP B 105 25.38 -11.20 0.80
N PHE B 106 24.52 -10.20 0.87
CA PHE B 106 24.34 -9.26 -0.23
C PHE B 106 24.35 -7.85 0.32
N GLN B 107 25.10 -6.97 -0.34
CA GLN B 107 25.00 -5.55 -0.08
C GLN B 107 23.57 -5.07 -0.31
N LEU B 108 23.11 -4.16 0.55
CA LEU B 108 21.76 -3.62 0.39
C LEU B 108 21.60 -2.86 -0.91
N ASP B 109 22.68 -2.32 -1.49
CA ASP B 109 22.59 -1.67 -2.80
C ASP B 109 22.63 -2.68 -3.95
N GLN B 110 22.79 -3.97 -3.68
CA GLN B 110 23.05 -5.00 -4.69
C GLN B 110 22.15 -6.23 -4.51
N ILE B 111 20.89 -6.03 -4.15
CA ILE B 111 19.96 -7.15 -3.95
C ILE B 111 19.59 -7.74 -5.31
N PRO B 112 19.68 -8.95 -5.49
CA PRO B 112 19.53 -9.55 -6.84
C PRO B 112 18.08 -9.82 -7.24
N PHE B 113 17.31 -8.75 -7.44
CA PHE B 113 15.88 -8.89 -7.68
C PHE B 113 15.55 -9.73 -8.90
N LYS B 114 16.36 -9.66 -9.95
CA LYS B 114 16.00 -10.39 -11.15
C LYS B 114 16.20 -11.89 -10.98
N ASP B 115 16.81 -12.31 -9.88
CA ASP B 115 16.93 -13.72 -9.57
C ASP B 115 16.19 -14.09 -8.28
N MET B 116 15.23 -13.27 -7.88
CA MET B 116 14.33 -13.57 -6.78
C MET B 116 12.92 -13.72 -7.33
N TRP B 117 11.98 -14.10 -6.47
CA TRP B 117 10.57 -14.03 -6.86
C TRP B 117 10.25 -12.59 -7.23
N PRO B 118 9.49 -12.36 -8.30
CA PRO B 118 9.21 -10.97 -8.72
C PRO B 118 8.53 -10.13 -7.64
N ASP B 119 7.64 -10.73 -6.84
CA ASP B 119 6.94 -9.96 -5.81
C ASP B 119 7.91 -9.24 -4.89
N ASP B 120 9.14 -9.75 -4.73
CA ASP B 120 10.07 -9.15 -3.79
C ASP B 120 10.38 -7.68 -4.15
N SER B 121 10.51 -7.36 -5.45
CA SER B 121 10.79 -5.97 -5.83
C SER B 121 9.72 -5.01 -5.33
N TYR B 122 8.51 -5.51 -5.08
CA TYR B 122 7.43 -4.65 -4.61
C TYR B 122 7.49 -4.43 -3.11
N TRP B 123 7.82 -5.45 -2.32
CA TRP B 123 7.62 -5.30 -0.88
C TRP B 123 8.90 -5.09 -0.10
N PHE B 124 10.05 -5.44 -0.67
CA PHE B 124 11.33 -5.13 -0.05
C PHE B 124 11.52 -3.68 0.37
N PRO B 125 11.12 -2.67 -0.42
CA PRO B 125 11.28 -1.28 0.06
C PRO B 125 10.66 -1.06 1.43
N LEU B 126 9.43 -1.54 1.64
CA LEU B 126 8.80 -1.41 2.95
C LEU B 126 9.52 -2.24 4.00
N LEU B 127 10.14 -3.33 3.58
CA LEU B 127 10.98 -4.07 4.52
C LEU B 127 12.19 -3.22 4.91
N LEU B 128 12.86 -2.60 3.94
CA LEU B 128 14.07 -1.88 4.30
C LEU B 128 13.78 -0.61 5.09
N GLN B 129 12.54 -0.13 5.07
CA GLN B 129 12.17 1.06 5.81
C GLN B 129 11.62 0.73 7.18
N LYS B 130 11.73 -0.54 7.58
CA LYS B 130 11.28 -1.06 8.89
C LYS B 130 9.81 -0.78 9.12
N LYS B 131 9.00 -1.02 8.10
CA LYS B 131 7.56 -0.80 8.13
C LYS B 131 6.85 -2.11 7.91
N LYS B 132 5.74 -2.30 8.62
CA LYS B 132 4.96 -3.52 8.57
C LYS B 132 3.92 -3.43 7.46
N PHE B 133 3.65 -4.55 6.80
CA PHE B 133 2.84 -4.54 5.59
C PHE B 133 1.99 -5.79 5.49
N HIS B 134 0.87 -5.65 4.79
CA HIS B 134 0.08 -6.77 4.30
C HIS B 134 0.13 -6.75 2.79
N GLY B 135 0.35 -7.90 2.18
CA GLY B 135 0.41 -8.00 0.75
C GLY B 135 -0.40 -9.16 0.24
N TYR B 136 -0.82 -9.05 -1.03
CA TYR B 136 -1.49 -10.10 -1.76
C TYR B 136 -1.00 -10.07 -3.20
N PHE B 137 -0.62 -11.24 -3.75
CA PHE B 137 -0.22 -11.31 -5.14
C PHE B 137 -0.87 -12.50 -5.82
N LYS B 138 -1.36 -12.25 -7.02
CA LYS B 138 -1.96 -13.26 -7.88
C LYS B 138 -0.95 -13.65 -8.94
N PHE B 139 -0.49 -14.89 -8.92
CA PHE B 139 0.51 -15.35 -9.87
C PHE B 139 -0.12 -16.22 -10.95
N GLN B 140 0.34 -16.05 -12.18
CA GLN B 140 0.06 -16.98 -13.28
C GLN B 140 1.38 -17.66 -13.66
N GLY B 141 1.50 -18.93 -13.33
CA GLY B 141 2.82 -19.51 -13.49
C GLY B 141 3.75 -18.99 -12.42
N GLN B 142 5.05 -19.09 -12.70
CA GLN B 142 6.08 -18.77 -11.73
C GLN B 142 6.66 -17.37 -11.89
N ASP B 143 6.34 -16.67 -12.97
CA ASP B 143 7.00 -15.41 -13.27
C ASP B 143 6.07 -14.23 -13.43
N THR B 144 4.76 -14.46 -13.46
CA THR B 144 3.80 -13.46 -13.91
C THR B 144 2.85 -13.09 -12.78
N ILE B 145 2.93 -11.84 -12.34
CA ILE B 145 1.95 -11.28 -11.42
C ILE B 145 0.82 -10.69 -12.24
N LEU B 146 -0.40 -11.15 -12.00
CA LEU B 146 -1.55 -10.57 -12.68
C LEU B 146 -2.08 -9.35 -11.94
N ASP B 147 -2.30 -9.47 -10.63
CA ASP B 147 -2.74 -8.35 -9.82
C ASP B 147 -2.07 -8.47 -8.45
N TYR B 148 -2.03 -7.35 -7.73
CA TYR B 148 -1.47 -7.33 -6.39
C TYR B 148 -2.09 -6.21 -5.57
N THR B 149 -2.03 -6.36 -4.25
CA THR B 149 -2.27 -5.28 -3.31
C THR B 149 -1.18 -5.29 -2.27
N LEU B 150 -0.84 -4.10 -1.77
CA LEU B 150 0.20 -4.01 -0.76
C LEU B 150 -0.03 -2.73 0.03
N ARG B 151 -0.31 -2.85 1.33
CA ARG B 151 -0.47 -1.66 2.14
C ARG B 151 0.33 -1.81 3.42
N GLU B 152 0.75 -0.68 3.97
CA GLU B 152 1.41 -0.68 5.28
C GLU B 152 0.35 -0.73 6.37
N VAL B 153 0.69 -1.44 7.46
CA VAL B 153 -0.24 -1.71 8.55
C VAL B 153 0.43 -1.37 9.88
N ASP B 154 -0.40 -1.32 10.92
CA ASP B 154 0.07 -1.18 12.29
C ASP B 154 0.14 -2.51 13.04
N THR B 155 -0.78 -3.42 12.76
CA THR B 155 -0.75 -4.78 13.31
C THR B 155 -0.57 -5.78 12.19
N VAL B 156 0.49 -6.59 12.26
CA VAL B 156 0.66 -7.69 11.28
C VAL B 156 -0.22 -8.90 11.62
C11 CJU C . -10.29 7.83 -9.00
C13 CJU C . -10.27 14.03 -6.91
C15 CJU C . -10.12 15.42 -8.94
C16 CJU C . -10.40 14.20 -9.74
C17 CJU C . -9.97 12.96 -9.01
C03 CJU C . -10.63 10.40 -7.73
C04 CJU C . -10.80 11.62 -7.07
N05 CJU C . -11.09 11.63 -5.75
C06 CJU C . -11.19 10.47 -5.08
N07 CJU C . -11.49 10.52 -3.70
N08 CJU C . -11.01 9.29 -5.70
C09 CJU C . -10.74 9.22 -7.00
N10 CJU C . -10.57 7.94 -7.60
N12 CJU C . -10.67 12.89 -7.74
C14 CJU C . -10.64 15.34 -7.56
#